data_2CZ4
#
_entry.id   2CZ4
#
_cell.length_a   61.345
_cell.length_b   117.699
_cell.length_c   114.114
_cell.angle_alpha   90.00
_cell.angle_beta   90.00
_cell.angle_gamma   90.00
#
_symmetry.space_group_name_H-M   'C 2 2 21'
#
loop_
_entity.id
_entity.type
_entity.pdbx_description
1 polymer 'hypothetical protein TTHA0516'
2 non-polymer 'CHLORIDE ION'
3 non-polymer 'ACETATE ION'
4 water water
#
_entity_poly.entity_id   1
_entity_poly.type   'polypeptide(L)'
_entity_poly.pdbx_seq_one_letter_code
;GSSHHHHHHSSGLVPRGSH(MSE)DLVPLKLVTIVAESLLEKRLVEEVKRLGAKGYTITPARGEGSRGIRSVDWEGQNIR
LETIVSEEVALRILQRLQEEYFPHYAVIAYVENVWVVRGEKYV
;
_entity_poly.pdbx_strand_id   A,B,C
#
loop_
_chem_comp.id
_chem_comp.type
_chem_comp.name
_chem_comp.formula
ACT non-polymer 'ACETATE ION' 'C2 H3 O2 -1'
CL non-polymer 'CHLORIDE ION' 'Cl -1'
#
# COMPACT_ATOMS: atom_id res chain seq x y z
N MSE A 20 14.10 -8.27 -19.02
CA MSE A 20 13.18 -7.96 -17.88
C MSE A 20 13.60 -8.72 -16.63
O MSE A 20 13.34 -9.91 -16.51
CB MSE A 20 11.74 -8.34 -18.25
CG MSE A 20 10.72 -8.14 -17.13
SE MSE A 20 10.15 -6.29 -16.93
CE MSE A 20 11.57 -5.64 -15.75
N ASP A 21 14.24 -8.03 -15.70
CA ASP A 21 14.74 -8.66 -14.48
C ASP A 21 13.71 -8.54 -13.33
N LEU A 22 12.80 -9.50 -13.25
CA LEU A 22 11.73 -9.55 -12.23
C LEU A 22 11.87 -10.81 -11.38
N VAL A 23 11.87 -10.67 -10.06
CA VAL A 23 11.97 -11.85 -9.20
C VAL A 23 10.94 -11.78 -8.07
N PRO A 24 10.49 -12.94 -7.61
CA PRO A 24 9.50 -13.00 -6.53
C PRO A 24 10.15 -12.79 -5.17
N LEU A 25 9.53 -11.91 -4.39
CA LEU A 25 9.98 -11.57 -3.04
C LEU A 25 8.72 -11.31 -2.24
N LYS A 26 8.90 -10.84 -1.00
CA LYS A 26 7.79 -10.52 -0.13
C LYS A 26 7.80 -9.07 0.30
N LEU A 27 6.62 -8.48 0.43
CA LEU A 27 6.54 -7.11 0.91
C LEU A 27 5.94 -7.19 2.31
N VAL A 28 6.72 -6.80 3.31
CA VAL A 28 6.23 -6.79 4.68
C VAL A 28 5.81 -5.40 5.00
N THR A 29 4.61 -5.27 5.56
CA THR A 29 4.07 -3.95 5.91
C THR A 29 3.79 -3.91 7.41
N ILE A 30 4.20 -2.81 8.06
CA ILE A 30 4.03 -2.63 9.50
C ILE A 30 3.41 -1.26 9.72
N VAL A 31 2.32 -1.18 10.47
CA VAL A 31 1.71 0.11 10.78
C VAL A 31 1.79 0.24 12.31
N ALA A 32 2.31 1.36 12.80
CA ALA A 32 2.46 1.59 14.24
C ALA A 32 2.63 3.07 14.55
N GLU A 33 2.68 3.42 15.83
CA GLU A 33 2.84 4.83 16.20
C GLU A 33 4.17 5.35 15.66
N SER A 34 4.20 6.63 15.31
CA SER A 34 5.41 7.24 14.72
C SER A 34 6.68 7.15 15.55
N LEU A 35 6.56 7.17 16.86
CA LEU A 35 7.77 7.09 17.69
C LEU A 35 8.46 5.75 17.55
N LEU A 36 7.77 4.77 17.00
CA LEU A 36 8.36 3.45 16.81
C LEU A 36 9.24 3.35 15.58
N GLU A 37 9.19 4.37 14.74
CA GLU A 37 9.98 4.31 13.52
C GLU A 37 11.44 3.92 13.67
N LYS A 38 12.17 4.58 14.56
CA LYS A 38 13.58 4.28 14.70
C LYS A 38 13.85 2.83 15.06
N ARG A 39 13.15 2.31 16.05
CA ARG A 39 13.36 0.92 16.46
C ARG A 39 12.93 -0.09 15.39
N LEU A 40 11.85 0.19 14.68
CA LEU A 40 11.37 -0.74 13.65
C LEU A 40 12.38 -0.76 12.50
N VAL A 41 12.93 0.39 12.14
CA VAL A 41 13.91 0.41 11.06
C VAL A 41 15.13 -0.41 11.46
N GLU A 42 15.62 -0.19 12.69
CA GLU A 42 16.78 -0.92 13.17
C GLU A 42 16.48 -2.41 13.19
N GLU A 43 15.28 -2.76 13.64
CA GLU A 43 14.87 -4.15 13.73
C GLU A 43 14.84 -4.84 12.33
N VAL A 44 14.22 -4.23 11.33
CA VAL A 44 14.19 -4.91 10.03
C VAL A 44 15.59 -5.01 9.40
N LYS A 45 16.42 -4.00 9.58
CA LYS A 45 17.76 -4.03 9.03
C LYS A 45 18.60 -5.08 9.74
N ARG A 46 18.37 -5.24 11.03
CA ARG A 46 19.08 -6.23 11.83
C ARG A 46 18.73 -7.64 11.37
N LEU A 47 17.48 -7.85 10.97
CA LEU A 47 17.02 -9.15 10.52
C LEU A 47 17.32 -9.44 9.05
N GLY A 48 17.92 -8.49 8.35
CA GLY A 48 18.27 -8.75 6.97
C GLY A 48 17.66 -7.90 5.86
N ALA A 49 16.70 -7.01 6.17
CA ALA A 49 16.11 -6.18 5.12
C ALA A 49 17.14 -5.18 4.66
N LYS A 50 17.15 -4.90 3.36
CA LYS A 50 18.13 -3.98 2.81
C LYS A 50 17.65 -2.59 2.52
N GLY A 51 16.37 -2.34 2.70
CA GLY A 51 15.83 -1.02 2.47
C GLY A 51 14.46 -0.94 3.09
N TYR A 52 13.82 0.21 2.96
CA TYR A 52 12.48 0.37 3.51
C TYR A 52 11.88 1.67 3.03
N THR A 53 10.55 1.73 3.10
CA THR A 53 9.81 2.91 2.72
C THR A 53 8.82 3.23 3.80
N ILE A 54 8.77 4.50 4.20
CA ILE A 54 7.84 5.00 5.21
C ILE A 54 6.74 5.86 4.56
N THR A 55 5.49 5.62 4.92
CA THR A 55 4.41 6.44 4.42
C THR A 55 3.53 6.81 5.63
N PRO A 56 2.72 7.87 5.50
CA PRO A 56 1.86 8.25 6.61
C PRO A 56 0.64 7.33 6.77
N ALA A 57 0.17 7.23 8.00
CA ALA A 57 -0.99 6.39 8.26
C ALA A 57 -1.75 6.99 9.42
N ARG A 58 -3.07 6.88 9.38
CA ARG A 58 -3.89 7.37 10.49
C ARG A 58 -5.19 6.59 10.52
N GLY A 59 -6.20 7.12 11.19
CA GLY A 59 -7.48 6.43 11.27
C GLY A 59 -7.83 6.12 12.70
N GLU A 60 -9.12 5.98 12.99
CA GLU A 60 -9.57 5.66 14.35
C GLU A 60 -8.96 6.63 15.35
N GLY A 61 -9.26 7.91 15.18
CA GLY A 61 -8.74 8.91 16.09
C GLY A 61 -7.34 9.46 15.84
N SER A 62 -6.45 8.69 15.22
CA SER A 62 -5.08 9.15 14.96
C SER A 62 -4.99 10.52 14.30
N ARG A 63 -3.87 11.20 14.53
CA ARG A 63 -3.64 12.52 13.98
C ARG A 63 -3.20 12.51 12.51
N GLY A 64 -3.63 13.54 11.79
CA GLY A 64 -3.29 13.69 10.39
C GLY A 64 -1.86 14.11 10.14
N ILE A 65 -1.46 14.04 8.88
CA ILE A 65 -0.11 14.38 8.46
C ILE A 65 0.37 15.81 8.79
N ARG A 66 -0.56 16.75 8.95
CA ARG A 66 -0.18 18.14 9.25
C ARG A 66 -0.29 18.52 10.72
N SER A 67 -0.74 17.61 11.56
CA SER A 67 -0.92 17.87 13.00
C SER A 67 0.36 18.26 13.75
N VAL A 68 0.23 19.16 14.72
CA VAL A 68 1.38 19.55 15.53
C VAL A 68 1.69 18.37 16.47
N ASP A 69 0.66 17.60 16.82
CA ASP A 69 0.78 16.43 17.70
C ASP A 69 1.44 15.27 16.94
N TRP A 70 2.77 15.15 17.04
CA TRP A 70 3.49 14.08 16.34
C TRP A 70 3.33 12.71 16.99
N GLU A 71 3.18 12.69 18.31
CA GLU A 71 3.03 11.42 19.00
C GLU A 71 1.78 10.67 18.56
N GLY A 72 0.69 11.40 18.34
CA GLY A 72 -0.56 10.79 17.92
C GLY A 72 -0.61 10.35 16.45
N GLN A 73 0.46 10.61 15.69
CA GLN A 73 0.50 10.20 14.28
C GLN A 73 1.06 8.76 14.15
N ASN A 74 0.65 8.02 13.12
CA ASN A 74 1.18 6.66 12.88
C ASN A 74 2.00 6.69 11.60
N ILE A 75 2.80 5.66 11.41
CA ILE A 75 3.60 5.53 10.20
C ILE A 75 3.40 4.13 9.68
N ARG A 76 3.65 3.95 8.38
CA ARG A 76 3.57 2.63 7.78
C ARG A 76 4.98 2.38 7.25
N LEU A 77 5.56 1.24 7.61
CA LEU A 77 6.89 0.88 7.11
C LEU A 77 6.70 -0.30 6.18
N GLU A 78 7.24 -0.19 4.96
CA GLU A 78 7.14 -1.29 4.00
C GLU A 78 8.57 -1.71 3.65
N THR A 79 8.80 -3.02 3.59
CA THR A 79 10.11 -3.47 3.20
C THR A 79 10.04 -4.72 2.33
N ILE A 80 10.88 -4.76 1.29
CA ILE A 80 10.94 -5.89 0.35
C ILE A 80 12.04 -6.86 0.83
N VAL A 81 11.66 -8.09 1.11
CA VAL A 81 12.61 -9.07 1.64
C VAL A 81 12.35 -10.48 1.11
N SER A 82 13.25 -11.42 1.41
CA SER A 82 13.07 -12.81 1.01
C SER A 82 11.97 -13.44 1.91
N GLU A 83 11.49 -14.63 1.55
CA GLU A 83 10.45 -15.33 2.30
C GLU A 83 10.89 -15.63 3.72
N GLU A 84 12.14 -16.04 3.86
CA GLU A 84 12.66 -16.39 5.18
C GLU A 84 12.85 -15.14 6.06
N VAL A 85 13.38 -14.06 5.49
CA VAL A 85 13.57 -12.85 6.26
C VAL A 85 12.21 -12.27 6.64
N ALA A 86 11.22 -12.37 5.75
CA ALA A 86 9.88 -11.86 6.05
C ALA A 86 9.33 -12.51 7.33
N LEU A 87 9.39 -13.83 7.44
CA LEU A 87 8.82 -14.46 8.64
C LEU A 87 9.66 -14.19 9.90
N ARG A 88 10.94 -13.92 9.72
CA ARG A 88 11.81 -13.62 10.85
C ARG A 88 11.37 -12.26 11.39
N ILE A 89 11.07 -11.34 10.47
CA ILE A 89 10.60 -10.01 10.88
C ILE A 89 9.23 -10.12 11.55
N LEU A 90 8.33 -10.87 10.94
CA LEU A 90 6.98 -11.00 11.50
C LEU A 90 6.97 -11.64 12.90
N GLN A 91 7.83 -12.64 13.08
CA GLN A 91 7.94 -13.33 14.35
C GLN A 91 8.43 -12.35 15.40
N ARG A 92 9.50 -11.63 15.05
CA ARG A 92 10.09 -10.65 15.94
C ARG A 92 9.05 -9.60 16.35
N LEU A 93 8.21 -9.17 15.41
CA LEU A 93 7.18 -8.19 15.75
C LEU A 93 6.17 -8.81 16.73
N GLN A 94 5.76 -10.04 16.44
CA GLN A 94 4.79 -10.73 17.28
C GLN A 94 5.30 -10.91 18.71
N GLU A 95 6.58 -11.24 18.84
CA GLU A 95 7.17 -11.46 20.14
C GLU A 95 7.50 -10.20 20.92
N GLU A 96 8.21 -9.28 20.27
CA GLU A 96 8.65 -8.08 20.94
C GLU A 96 7.78 -6.84 20.93
N TYR A 97 7.04 -6.60 19.85
CA TYR A 97 6.23 -5.40 19.74
C TYR A 97 4.74 -5.50 19.98
N PHE A 98 4.11 -6.52 19.42
CA PHE A 98 2.66 -6.67 19.58
C PHE A 98 2.19 -6.68 21.04
N PRO A 99 3.00 -7.24 21.94
CA PRO A 99 2.52 -7.24 23.33
C PRO A 99 2.49 -5.88 23.99
N HIS A 100 3.26 -4.93 23.47
CA HIS A 100 3.30 -3.60 24.09
C HIS A 100 2.78 -2.41 23.30
N TYR A 101 2.53 -2.59 22.01
CA TYR A 101 2.06 -1.48 21.18
C TYR A 101 0.93 -1.91 20.26
N ALA A 102 0.17 -0.94 19.76
CA ALA A 102 -0.90 -1.25 18.82
C ALA A 102 -0.14 -1.33 17.49
N VAL A 103 -0.02 -2.53 16.93
CA VAL A 103 0.71 -2.74 15.69
C VAL A 103 -0.09 -3.56 14.69
N ILE A 104 0.10 -3.28 13.41
CA ILE A 104 -0.53 -4.06 12.35
C ILE A 104 0.67 -4.58 11.52
N ALA A 105 0.69 -5.85 11.18
CA ALA A 105 1.80 -6.36 10.38
C ALA A 105 1.30 -7.47 9.49
N TYR A 106 1.59 -7.38 8.21
CA TYR A 106 1.15 -8.41 7.27
C TYR A 106 2.16 -8.54 6.16
N VAL A 107 2.02 -9.57 5.34
CA VAL A 107 2.98 -9.80 4.25
C VAL A 107 2.20 -10.09 2.96
N GLU A 108 2.75 -9.67 1.82
CA GLU A 108 2.12 -9.95 0.53
C GLU A 108 3.16 -10.36 -0.49
N ASN A 109 2.72 -11.11 -1.49
CA ASN A 109 3.60 -11.60 -2.53
C ASN A 109 3.82 -10.53 -3.61
N VAL A 110 5.06 -10.27 -3.98
CA VAL A 110 5.36 -9.27 -5.02
C VAL A 110 6.46 -9.74 -5.97
N TRP A 111 6.49 -9.19 -7.19
CA TRP A 111 7.54 -9.50 -8.15
C TRP A 111 8.20 -8.15 -8.27
N VAL A 112 9.52 -8.15 -8.15
CA VAL A 112 10.29 -6.92 -8.05
C VAL A 112 11.36 -6.73 -9.10
N VAL A 113 11.45 -5.52 -9.65
CA VAL A 113 12.47 -5.20 -10.65
C VAL A 113 13.84 -5.15 -9.97
N ARG A 114 14.79 -5.90 -10.53
CA ARG A 114 16.14 -5.98 -9.98
C ARG A 114 16.11 -6.39 -8.52
N GLY A 115 15.12 -7.20 -8.17
CA GLY A 115 14.98 -7.63 -6.80
C GLY A 115 16.09 -8.45 -6.16
N GLU A 116 16.98 -9.01 -6.97
CA GLU A 116 18.07 -9.80 -6.40
C GLU A 116 18.82 -9.01 -5.31
N LYS A 117 18.89 -7.69 -5.43
CA LYS A 117 19.61 -6.91 -4.44
C LYS A 117 18.98 -6.91 -3.04
N TYR A 118 17.72 -7.33 -2.93
CA TYR A 118 17.04 -7.37 -1.64
C TYR A 118 17.19 -8.69 -0.88
N VAL A 119 17.73 -9.70 -1.53
CA VAL A 119 17.89 -11.01 -0.89
C VAL A 119 19.08 -11.03 0.08
N MSE B 20 -21.69 -8.34 -8.69
CA MSE B 20 -20.23 -8.11 -8.44
C MSE B 20 -19.38 -8.13 -9.69
O MSE B 20 -19.12 -9.18 -10.27
CB MSE B 20 -19.67 -9.13 -7.46
CG MSE B 20 -19.68 -8.68 -6.01
SE MSE B 20 -18.23 -7.45 -5.49
CE MSE B 20 -18.37 -6.06 -6.84
N ASP B 21 -18.95 -6.94 -10.11
CA ASP B 21 -18.10 -6.79 -11.27
C ASP B 21 -16.69 -6.60 -10.72
N LEU B 22 -15.96 -7.70 -10.64
CA LEU B 22 -14.58 -7.75 -10.12
C LEU B 22 -13.69 -8.46 -11.13
N VAL B 23 -12.63 -7.80 -11.58
CA VAL B 23 -11.73 -8.41 -12.55
C VAL B 23 -10.28 -8.34 -12.09
N PRO B 24 -9.47 -9.35 -12.46
CA PRO B 24 -8.05 -9.42 -12.10
C PRO B 24 -7.20 -8.48 -12.95
N LEU B 25 -6.31 -7.74 -12.28
CA LEU B 25 -5.41 -6.80 -12.96
C LEU B 25 -4.12 -6.81 -12.13
N LYS B 26 -3.21 -5.89 -12.45
CA LYS B 26 -1.96 -5.78 -11.73
C LYS B 26 -1.86 -4.40 -11.14
N LEU B 27 -1.20 -4.32 -10.00
CA LEU B 27 -0.99 -3.03 -9.34
C LEU B 27 0.52 -2.84 -9.40
N VAL B 28 0.97 -1.80 -10.09
CA VAL B 28 2.39 -1.54 -10.20
C VAL B 28 2.69 -0.42 -9.23
N THR B 29 3.72 -0.61 -8.41
CA THR B 29 4.10 0.40 -7.44
C THR B 29 5.51 0.90 -7.76
N ILE B 30 5.69 2.22 -7.69
CA ILE B 30 7.00 2.81 -7.96
C ILE B 30 7.34 3.79 -6.84
N VAL B 31 8.54 3.69 -6.31
CA VAL B 31 8.97 4.63 -5.29
C VAL B 31 10.21 5.33 -5.83
N ALA B 32 10.23 6.66 -5.75
CA ALA B 32 11.35 7.43 -6.22
C ALA B 32 11.20 8.85 -5.68
N GLU B 33 12.24 9.67 -5.86
CA GLU B 33 12.20 11.08 -5.42
C GLU B 33 11.00 11.78 -6.00
N SER B 34 10.35 12.62 -5.20
CA SER B 34 9.17 13.33 -5.66
C SER B 34 9.44 14.18 -6.88
N LEU B 35 10.68 14.61 -7.06
CA LEU B 35 11.02 15.44 -8.22
C LEU B 35 10.88 14.71 -9.55
N LEU B 36 10.79 13.37 -9.50
CA LEU B 36 10.64 12.59 -10.73
C LEU B 36 9.18 12.35 -11.09
N GLU B 37 8.25 12.91 -10.31
CA GLU B 37 6.82 12.71 -10.55
C GLU B 37 6.31 12.99 -11.96
N LYS B 38 6.58 14.18 -12.48
CA LYS B 38 6.07 14.51 -13.81
C LYS B 38 6.53 13.51 -14.86
N ARG B 39 7.83 13.19 -14.83
CA ARG B 39 8.39 12.25 -15.78
C ARG B 39 7.72 10.87 -15.65
N LEU B 40 7.64 10.36 -14.41
CA LEU B 40 7.03 9.03 -14.20
C LEU B 40 5.56 8.96 -14.57
N VAL B 41 4.80 9.98 -14.18
CA VAL B 41 3.37 10.01 -14.52
C VAL B 41 3.24 9.99 -16.04
N GLU B 42 4.09 10.74 -16.72
CA GLU B 42 4.05 10.78 -18.19
C GLU B 42 4.40 9.41 -18.76
N GLU B 43 5.42 8.76 -18.20
CA GLU B 43 5.79 7.44 -18.68
C GLU B 43 4.65 6.42 -18.58
N VAL B 44 4.01 6.30 -17.41
CA VAL B 44 2.96 5.30 -17.30
C VAL B 44 1.76 5.60 -18.17
N LYS B 45 1.37 6.86 -18.31
CA LYS B 45 0.23 7.18 -19.16
C LYS B 45 0.56 6.81 -20.60
N ARG B 46 1.76 7.17 -21.02
CA ARG B 46 2.29 6.90 -22.35
C ARG B 46 2.26 5.40 -22.65
N LEU B 47 2.54 4.58 -21.63
CA LEU B 47 2.55 3.14 -21.82
C LEU B 47 1.20 2.44 -21.68
N GLY B 48 0.14 3.19 -21.40
CA GLY B 48 -1.16 2.54 -21.30
C GLY B 48 -1.95 2.71 -20.03
N ALA B 49 -1.30 3.17 -18.96
CA ALA B 49 -2.01 3.34 -17.70
C ALA B 49 -3.10 4.41 -17.82
N LYS B 50 -4.27 4.14 -17.27
CA LYS B 50 -5.36 5.06 -17.34
C LYS B 50 -5.58 5.90 -16.08
N GLY B 51 -4.73 5.69 -15.08
CA GLY B 51 -4.85 6.44 -13.84
C GLY B 51 -3.63 6.20 -12.95
N TYR B 52 -3.61 6.81 -11.77
CA TYR B 52 -2.51 6.62 -10.83
C TYR B 52 -2.85 7.29 -9.51
N THR B 53 -2.18 6.83 -8.46
CA THR B 53 -2.39 7.38 -7.14
C THR B 53 -1.02 7.67 -6.55
N ILE B 54 -0.89 8.80 -5.88
CA ILE B 54 0.38 9.11 -5.25
C ILE B 54 0.23 9.32 -3.76
N THR B 55 1.19 8.77 -3.02
CA THR B 55 1.26 8.92 -1.57
C THR B 55 2.66 9.46 -1.25
N PRO B 56 2.79 10.42 -0.32
CA PRO B 56 4.13 10.92 -0.01
C PRO B 56 4.88 9.83 0.75
N ALA B 57 6.20 9.79 0.59
CA ALA B 57 6.95 8.74 1.24
C ALA B 57 8.36 9.21 1.58
N ARG B 58 9.02 8.48 2.47
CA ARG B 58 10.40 8.83 2.80
C ARG B 58 11.20 7.56 3.04
N GLY B 59 12.52 7.70 3.01
CA GLY B 59 13.34 6.53 3.22
C GLY B 59 14.51 6.90 4.09
N GLU B 60 15.58 6.11 4.01
CA GLU B 60 16.78 6.37 4.81
C GLU B 60 17.12 7.86 4.71
N GLY B 61 17.00 8.58 5.83
CA GLY B 61 17.30 10.00 5.83
C GLY B 61 16.23 10.82 5.14
N ASP B 69 8.26 16.53 7.19
CA ASP B 69 9.28 15.88 6.39
C ASP B 69 8.69 15.26 5.13
N TRP B 70 7.37 15.25 5.03
CA TRP B 70 6.73 14.64 3.87
C TRP B 70 6.88 15.39 2.54
N GLU B 71 7.41 16.61 2.59
CA GLU B 71 7.62 17.40 1.36
C GLU B 71 9.10 17.33 0.98
N GLY B 72 9.40 17.24 -0.31
CA GLY B 72 10.79 17.19 -0.71
C GLY B 72 11.47 15.85 -0.51
N GLN B 73 10.67 14.81 -0.34
CA GLN B 73 11.23 13.50 -0.15
C GLN B 73 10.89 12.63 -1.37
N ASN B 74 10.24 11.50 -1.12
CA ASN B 74 9.87 10.58 -2.19
C ASN B 74 8.36 10.53 -2.37
N ILE B 75 7.94 9.76 -3.38
CA ILE B 75 6.52 9.53 -3.60
C ILE B 75 6.39 8.05 -3.88
N ARG B 76 5.21 7.51 -3.58
CA ARG B 76 4.95 6.11 -3.89
C ARG B 76 3.85 6.30 -4.93
N LEU B 77 4.14 5.92 -6.18
CA LEU B 77 3.19 6.05 -7.27
C LEU B 77 2.61 4.67 -7.55
N GLU B 78 1.29 4.56 -7.59
CA GLU B 78 0.66 3.27 -7.85
C GLU B 78 -0.30 3.39 -8.99
N THR B 79 -0.31 2.36 -9.85
CA THR B 79 -1.24 2.40 -10.96
C THR B 79 -1.79 1.01 -11.25
N ILE B 80 -3.08 0.94 -11.55
CA ILE B 80 -3.73 -0.34 -11.87
C ILE B 80 -3.74 -0.52 -13.38
N VAL B 81 -3.12 -1.59 -13.85
CA VAL B 81 -3.01 -1.85 -15.29
C VAL B 81 -3.16 -3.34 -15.58
N SER B 82 -3.22 -3.67 -16.86
CA SER B 82 -3.33 -5.05 -17.35
C SER B 82 -1.93 -5.69 -17.24
N GLU B 83 -1.87 -7.01 -17.35
CA GLU B 83 -0.61 -7.77 -17.28
C GLU B 83 0.46 -7.27 -18.23
N GLU B 84 0.04 -7.07 -19.48
CA GLU B 84 0.93 -6.61 -20.53
C GLU B 84 1.48 -5.19 -20.27
N VAL B 85 0.60 -4.27 -19.90
CA VAL B 85 1.02 -2.91 -19.62
C VAL B 85 1.94 -2.89 -18.40
N ALA B 86 1.68 -3.76 -17.42
CA ALA B 86 2.53 -3.80 -16.24
C ALA B 86 3.97 -4.08 -16.62
N LEU B 87 4.20 -5.10 -17.43
CA LEU B 87 5.57 -5.46 -17.81
C LEU B 87 6.19 -4.39 -18.72
N ARG B 88 5.37 -3.68 -19.47
CA ARG B 88 5.88 -2.62 -20.34
C ARG B 88 6.44 -1.53 -19.46
N ILE B 89 5.69 -1.20 -18.42
CA ILE B 89 6.12 -0.18 -17.49
C ILE B 89 7.38 -0.60 -16.73
N LEU B 90 7.37 -1.82 -16.22
CA LEU B 90 8.52 -2.28 -15.45
C LEU B 90 9.78 -2.32 -16.30
N GLN B 91 9.64 -2.80 -17.54
CA GLN B 91 10.79 -2.86 -18.43
C GLN B 91 11.32 -1.45 -18.74
N ARG B 92 10.41 -0.51 -18.98
CA ARG B 92 10.80 0.88 -19.26
C ARG B 92 11.54 1.46 -18.03
N LEU B 93 11.04 1.21 -16.82
CA LEU B 93 11.73 1.70 -15.62
C LEU B 93 13.12 1.08 -15.47
N GLN B 94 13.21 -0.24 -15.66
CA GLN B 94 14.50 -0.92 -15.54
C GLN B 94 15.53 -0.36 -16.54
N GLU B 95 15.06 -0.12 -17.74
CA GLU B 95 15.90 0.38 -18.83
C GLU B 95 16.28 1.84 -18.72
N GLU B 96 15.29 2.71 -18.52
CA GLU B 96 15.51 4.16 -18.48
C GLU B 96 15.71 4.85 -17.15
N TYR B 97 15.18 4.30 -16.06
CA TYR B 97 15.29 4.97 -14.77
C TYR B 97 16.21 4.34 -13.75
N PHE B 98 16.14 3.01 -13.65
CA PHE B 98 16.97 2.31 -12.70
C PHE B 98 18.47 2.58 -12.76
N PRO B 99 19.04 2.72 -13.97
CA PRO B 99 20.49 2.96 -13.93
C PRO B 99 20.90 4.32 -13.37
N HIS B 100 20.07 5.34 -13.56
CA HIS B 100 20.40 6.69 -13.14
C HIS B 100 19.79 7.25 -11.85
N TYR B 101 18.78 6.57 -11.31
CA TYR B 101 18.10 7.03 -10.10
C TYR B 101 17.86 5.92 -9.08
N ALA B 102 17.56 6.32 -7.85
CA ALA B 102 17.24 5.35 -6.79
C ALA B 102 15.74 5.13 -7.00
N VAL B 103 15.38 3.97 -7.54
CA VAL B 103 13.98 3.67 -7.82
C VAL B 103 13.64 2.28 -7.30
N ILE B 104 12.42 2.11 -6.83
CA ILE B 104 11.96 0.80 -6.38
C ILE B 104 10.74 0.55 -7.25
N ALA B 105 10.61 -0.64 -7.80
CA ALA B 105 9.44 -0.93 -8.62
C ALA B 105 9.04 -2.37 -8.47
N TYR B 106 7.76 -2.60 -8.25
CA TYR B 106 7.29 -3.95 -8.10
C TYR B 106 5.84 -4.05 -8.52
N VAL B 107 5.34 -5.28 -8.61
CA VAL B 107 3.99 -5.48 -9.07
C VAL B 107 3.27 -6.52 -8.24
N GLU B 108 1.97 -6.30 -8.01
CA GLU B 108 1.14 -7.20 -7.20
C GLU B 108 -0.11 -7.57 -7.98
N ASN B 109 -0.71 -8.69 -7.61
CA ASN B 109 -1.95 -9.15 -8.24
C ASN B 109 -3.14 -8.57 -7.46
N VAL B 110 -4.11 -8.01 -8.17
CA VAL B 110 -5.29 -7.44 -7.51
C VAL B 110 -6.56 -7.72 -8.29
N TRP B 111 -7.69 -7.70 -7.60
CA TRP B 111 -8.99 -7.86 -8.24
C TRP B 111 -9.65 -6.52 -8.01
N VAL B 112 -10.09 -5.90 -9.10
CA VAL B 112 -10.62 -4.53 -9.06
C VAL B 112 -12.09 -4.36 -9.43
N VAL B 113 -12.81 -3.55 -8.67
CA VAL B 113 -14.23 -3.30 -8.95
C VAL B 113 -14.31 -2.45 -10.23
N ARG B 114 -15.12 -2.90 -11.19
CA ARG B 114 -15.29 -2.20 -12.47
C ARG B 114 -13.94 -1.97 -13.11
N GLY B 115 -13.02 -2.90 -12.89
CA GLY B 115 -11.69 -2.74 -13.44
C GLY B 115 -11.59 -2.74 -14.94
N GLU B 116 -12.63 -3.19 -15.64
CA GLU B 116 -12.60 -3.22 -17.10
C GLU B 116 -12.07 -1.92 -17.69
N LYS B 117 -12.42 -0.81 -17.04
CA LYS B 117 -11.99 0.52 -17.48
C LYS B 117 -10.46 0.71 -17.53
N TYR B 118 -9.71 0.02 -16.67
CA TYR B 118 -8.25 0.21 -16.65
C TYR B 118 -7.51 -0.57 -17.73
N VAL B 119 -8.22 -1.47 -18.41
CA VAL B 119 -7.62 -2.27 -19.44
C VAL B 119 -7.42 -1.43 -20.70
N MSE C 20 4.71 -18.72 15.25
CA MSE C 20 4.29 -17.70 14.23
C MSE C 20 2.78 -17.72 14.04
O MSE C 20 2.26 -18.65 13.47
CB MSE C 20 4.95 -17.98 12.89
CG MSE C 20 4.64 -16.96 11.80
SE MSE C 20 5.67 -15.31 12.04
CE MSE C 20 4.35 -14.31 13.07
N ASP C 21 2.07 -16.70 14.51
CA ASP C 21 0.62 -16.65 14.35
C ASP C 21 0.28 -15.82 13.10
N LEU C 22 0.21 -16.48 11.95
CA LEU C 22 -0.06 -15.85 10.65
C LEU C 22 -1.26 -16.45 9.96
N VAL C 23 -2.26 -15.65 9.61
CA VAL C 23 -3.42 -16.18 8.93
C VAL C 23 -3.77 -15.40 7.66
N PRO C 24 -4.36 -16.09 6.66
CA PRO C 24 -4.75 -15.43 5.40
C PRO C 24 -6.04 -14.64 5.55
N LEU C 25 -6.02 -13.41 5.04
CA LEU C 25 -7.16 -12.50 5.08
C LEU C 25 -7.09 -11.71 3.80
N LYS C 26 -8.00 -10.74 3.66
CA LYS C 26 -8.02 -9.90 2.48
C LYS C 26 -7.79 -8.47 2.92
N LEU C 27 -7.11 -7.72 2.07
CA LEU C 27 -6.86 -6.30 2.31
C LEU C 27 -7.69 -5.56 1.26
N VAL C 28 -8.70 -4.80 1.70
CA VAL C 28 -9.51 -4.05 0.77
C VAL C 28 -9.04 -2.61 0.80
N THR C 29 -8.81 -2.06 -0.38
CA THR C 29 -8.34 -0.69 -0.53
C THR C 29 -9.37 0.13 -1.29
N ILE C 30 -9.68 1.32 -0.77
CA ILE C 30 -10.64 2.21 -1.41
C ILE C 30 -10.00 3.59 -1.51
N VAL C 31 -9.99 4.17 -2.70
CA VAL C 31 -9.44 5.50 -2.86
C VAL C 31 -10.64 6.38 -3.25
N ALA C 32 -10.84 7.49 -2.56
CA ALA C 32 -11.95 8.39 -2.88
C ALA C 32 -11.70 9.79 -2.32
N GLU C 33 -12.61 10.70 -2.65
CA GLU C 33 -12.56 12.08 -2.18
C GLU C 33 -12.47 12.05 -0.64
N SER C 34 -11.66 12.93 -0.03
CA SER C 34 -11.54 12.89 1.43
C SER C 34 -12.84 13.12 2.19
N LEU C 35 -13.77 13.89 1.63
CA LEU C 35 -15.03 14.14 2.31
C LEU C 35 -15.85 12.87 2.42
N LEU C 36 -15.47 11.82 1.68
CA LEU C 36 -16.20 10.56 1.77
C LEU C 36 -15.72 9.71 2.92
N GLU C 37 -14.66 10.15 3.59
CA GLU C 37 -14.13 9.36 4.69
C GLU C 37 -15.14 8.90 5.71
N LYS C 38 -15.93 9.82 6.21
CA LYS C 38 -16.90 9.49 7.23
C LYS C 38 -17.86 8.37 6.84
N ARG C 39 -18.46 8.51 5.66
CA ARG C 39 -19.41 7.53 5.15
C ARG C 39 -18.76 6.16 4.91
N LEU C 40 -17.58 6.16 4.31
CA LEU C 40 -16.87 4.90 4.02
C LEU C 40 -16.48 4.14 5.26
N VAL C 41 -16.00 4.87 6.27
CA VAL C 41 -15.62 4.25 7.53
C VAL C 41 -16.86 3.58 8.15
N GLU C 42 -17.98 4.29 8.15
CA GLU C 42 -19.22 3.75 8.72
C GLU C 42 -19.70 2.54 7.92
N GLU C 43 -19.52 2.60 6.61
CA GLU C 43 -19.95 1.51 5.75
C GLU C 43 -19.13 0.24 6.02
N VAL C 44 -17.80 0.33 6.09
CA VAL C 44 -17.01 -0.88 6.33
C VAL C 44 -17.26 -1.47 7.70
N LYS C 45 -17.46 -0.61 8.71
CA LYS C 45 -17.72 -1.10 10.06
C LYS C 45 -19.06 -1.83 10.10
N ARG C 46 -20.04 -1.24 9.40
CA ARG C 46 -21.39 -1.80 9.33
C ARG C 46 -21.36 -3.18 8.68
N LEU C 47 -20.57 -3.32 7.62
CA LEU C 47 -20.47 -4.59 6.91
C LEU C 47 -19.54 -5.62 7.54
N GLY C 48 -18.99 -5.33 8.70
CA GLY C 48 -18.12 -6.32 9.34
C GLY C 48 -16.65 -6.04 9.60
N ALA C 49 -16.10 -4.96 9.04
CA ALA C 49 -14.68 -4.67 9.25
C ALA C 49 -14.44 -4.27 10.70
N LYS C 50 -13.38 -4.81 11.28
CA LYS C 50 -13.07 -4.52 12.67
C LYS C 50 -11.89 -3.55 12.84
N GLY C 51 -11.66 -2.71 11.84
CA GLY C 51 -10.59 -1.73 11.91
C GLY C 51 -10.29 -1.20 10.53
N TYR C 52 -9.45 -0.19 10.45
CA TYR C 52 -9.09 0.38 9.15
C TYR C 52 -7.94 1.38 9.34
N THR C 53 -7.41 1.83 8.23
CA THR C 53 -6.34 2.80 8.30
C THR C 53 -6.65 3.73 7.14
N ILE C 54 -6.23 4.97 7.28
CA ILE C 54 -6.42 5.94 6.23
C ILE C 54 -5.09 6.58 5.90
N THR C 55 -4.81 6.78 4.62
CA THR C 55 -3.58 7.48 4.26
C THR C 55 -3.92 8.48 3.15
N PRO C 56 -3.25 9.64 3.20
CA PRO C 56 -3.49 10.65 2.18
C PRO C 56 -3.14 10.15 0.78
N ALA C 57 -3.88 10.63 -0.22
CA ALA C 57 -3.63 10.20 -1.60
C ALA C 57 -3.97 11.33 -2.56
N ARG C 58 -3.21 11.41 -3.65
CA ARG C 58 -3.45 12.43 -4.65
C ARG C 58 -3.36 11.81 -6.02
N GLY C 59 -4.08 12.39 -6.97
CA GLY C 59 -4.08 11.88 -8.33
C GLY C 59 -3.92 13.02 -9.34
N GLU C 60 -4.15 12.73 -10.61
CA GLU C 60 -4.03 13.73 -11.65
C GLU C 60 -4.76 14.99 -11.23
N GLY C 61 -4.09 16.13 -11.37
CA GLY C 61 -4.69 17.39 -10.99
C GLY C 61 -4.28 17.76 -9.59
N SER C 62 -3.04 17.43 -9.23
CA SER C 62 -2.51 17.73 -7.91
C SER C 62 -1.02 18.02 -7.98
N GLU C 71 -9.54 17.71 1.93
CA GLU C 71 -8.88 18.93 1.49
C GLU C 71 -9.53 19.50 0.20
N GLY C 72 -9.23 18.78 -0.89
CA GLY C 72 -9.63 19.00 -2.30
C GLY C 72 -8.76 17.92 -2.96
N GLN C 73 -8.47 16.99 -2.04
CA GLN C 73 -7.64 15.78 -2.12
C GLN C 73 -8.39 14.49 -1.78
N ASN C 74 -7.70 13.37 -1.91
CA ASN C 74 -8.28 12.07 -1.63
C ASN C 74 -7.72 11.38 -0.41
N ILE C 75 -8.31 10.24 -0.08
CA ILE C 75 -7.83 9.44 1.02
C ILE C 75 -7.84 8.01 0.52
N ARG C 76 -7.00 7.19 1.11
CA ARG C 76 -6.95 5.80 0.75
C ARG C 76 -7.35 5.07 2.04
N LEU C 77 -8.46 4.35 1.99
CA LEU C 77 -8.91 3.58 3.14
C LEU C 77 -8.55 2.11 2.92
N GLU C 78 -7.95 1.50 3.93
CA GLU C 78 -7.52 0.12 3.88
C GLU C 78 -8.11 -0.63 5.06
N THR C 79 -8.62 -1.81 4.80
CA THR C 79 -9.16 -2.59 5.89
C THR C 79 -8.88 -4.07 5.68
N ILE C 80 -8.42 -4.73 6.72
CA ILE C 80 -8.11 -6.17 6.67
C ILE C 80 -9.38 -6.91 7.12
N VAL C 81 -9.96 -7.73 6.25
CA VAL C 81 -11.22 -8.43 6.55
C VAL C 81 -11.21 -9.86 6.02
N SER C 82 -12.24 -10.65 6.38
CA SER C 82 -12.35 -12.03 5.91
C SER C 82 -12.72 -11.95 4.44
N GLU C 83 -12.62 -13.07 3.70
CA GLU C 83 -12.94 -13.01 2.28
C GLU C 83 -14.41 -12.72 2.03
N GLU C 84 -15.29 -13.15 2.93
CA GLU C 84 -16.73 -12.88 2.76
C GLU C 84 -17.04 -11.40 3.02
N VAL C 85 -16.45 -10.83 4.07
CA VAL C 85 -16.67 -9.42 4.36
C VAL C 85 -16.10 -8.55 3.25
N ALA C 86 -14.98 -8.97 2.67
CA ALA C 86 -14.39 -8.18 1.58
C ALA C 86 -15.36 -8.01 0.42
N LEU C 87 -15.98 -9.11 0.01
CA LEU C 87 -16.92 -9.09 -1.10
C LEU C 87 -18.18 -8.29 -0.74
N ARG C 88 -18.57 -8.34 0.51
CA ARG C 88 -19.72 -7.60 0.96
C ARG C 88 -19.40 -6.11 0.80
N ILE C 89 -18.21 -5.71 1.26
CA ILE C 89 -17.78 -4.32 1.15
C ILE C 89 -17.71 -3.86 -0.31
N LEU C 90 -17.06 -4.66 -1.16
CA LEU C 90 -16.90 -4.28 -2.55
C LEU C 90 -18.23 -4.19 -3.30
N GLN C 91 -19.14 -5.09 -2.96
CA GLN C 91 -20.46 -5.12 -3.58
C GLN C 91 -21.15 -3.80 -3.25
N ARG C 92 -21.15 -3.45 -1.96
CA ARG C 92 -21.78 -2.22 -1.54
C ARG C 92 -21.18 -0.99 -2.24
N LEU C 93 -19.86 -0.95 -2.41
CA LEU C 93 -19.23 0.18 -3.06
C LEU C 93 -19.73 0.31 -4.50
N GLN C 94 -19.76 -0.81 -5.20
CA GLN C 94 -20.21 -0.83 -6.59
C GLN C 94 -21.65 -0.30 -6.73
N GLU C 95 -22.53 -0.75 -5.83
CA GLU C 95 -23.94 -0.36 -5.85
C GLU C 95 -24.21 1.07 -5.45
N GLU C 96 -23.82 1.43 -4.22
CA GLU C 96 -24.04 2.75 -3.64
C GLU C 96 -23.08 3.90 -3.97
N TYR C 97 -21.80 3.61 -4.16
CA TYR C 97 -20.85 4.68 -4.40
C TYR C 97 -20.30 4.87 -5.80
N PHE C 98 -19.93 3.79 -6.47
CA PHE C 98 -19.38 3.90 -7.80
C PHE C 98 -20.24 4.66 -8.80
N PRO C 99 -21.58 4.54 -8.70
CA PRO C 99 -22.40 5.27 -9.66
C PRO C 99 -22.41 6.79 -9.47
N HIS C 100 -22.13 7.24 -8.25
CA HIS C 100 -22.18 8.68 -7.96
C HIS C 100 -20.87 9.41 -7.68
N TYR C 101 -19.81 8.66 -7.33
CA TYR C 101 -18.53 9.28 -6.99
C TYR C 101 -17.38 8.64 -7.75
N ALA C 102 -16.24 9.33 -7.81
CA ALA C 102 -15.06 8.79 -8.49
C ALA C 102 -14.37 7.96 -7.43
N VAL C 103 -14.52 6.64 -7.52
CA VAL C 103 -13.89 5.81 -6.52
C VAL C 103 -13.12 4.66 -7.15
N ILE C 104 -12.08 4.21 -6.45
CA ILE C 104 -11.24 3.09 -6.89
C ILE C 104 -11.35 2.10 -5.74
N ALA C 105 -11.59 0.82 -6.04
CA ALA C 105 -11.68 -0.16 -4.95
C ALA C 105 -11.13 -1.49 -5.43
N TYR C 106 -10.33 -2.15 -4.60
CA TYR C 106 -9.76 -3.42 -4.97
C TYR C 106 -9.36 -4.24 -3.75
N VAL C 107 -9.03 -5.51 -3.99
CA VAL C 107 -8.69 -6.45 -2.93
C VAL C 107 -7.38 -7.14 -3.24
N GLU C 108 -6.62 -7.46 -2.20
CA GLU C 108 -5.35 -8.17 -2.35
C GLU C 108 -5.37 -9.26 -1.29
N ASN C 109 -4.61 -10.31 -1.54
CA ASN C 109 -4.49 -11.42 -0.61
C ASN C 109 -3.36 -11.10 0.37
N VAL C 110 -3.58 -11.25 1.68
CA VAL C 110 -2.51 -10.98 2.64
C VAL C 110 -2.46 -12.00 3.75
N TRP C 111 -1.29 -12.15 4.38
CA TRP C 111 -1.19 -13.06 5.53
C TRP C 111 -0.86 -12.10 6.66
N VAL C 112 -1.65 -12.16 7.73
CA VAL C 112 -1.57 -11.18 8.80
C VAL C 112 -1.23 -11.72 10.16
N VAL C 113 -0.35 -11.02 10.88
CA VAL C 113 0.07 -11.44 12.22
C VAL C 113 -1.11 -11.24 13.18
N ARG C 114 -1.44 -12.29 13.94
CA ARG C 114 -2.55 -12.25 14.90
C ARG C 114 -3.79 -11.78 14.16
N GLY C 115 -3.94 -12.23 12.91
CA GLY C 115 -5.06 -11.82 12.10
C GLY C 115 -6.41 -12.32 12.59
N GLU C 116 -6.43 -13.31 13.47
CA GLU C 116 -7.71 -13.84 13.95
C GLU C 116 -8.62 -12.73 14.46
N LYS C 117 -8.03 -11.68 15.00
CA LYS C 117 -8.83 -10.58 15.53
C LYS C 117 -9.62 -9.77 14.49
N TYR C 118 -9.33 -9.96 13.21
CA TYR C 118 -10.02 -9.18 12.17
C TYR C 118 -11.20 -9.92 11.56
N VAL C 119 -11.40 -11.15 12.01
CA VAL C 119 -12.50 -11.94 11.51
C VAL C 119 -13.56 -11.96 12.60
CL CL D . 2.60 -14.60 0.35
C ACT E . 11.17 -12.04 -16.20
O ACT E . 10.45 -11.70 -17.29
OXT ACT E . 12.39 -12.13 -16.28
CH3 ACT E . 10.49 -12.30 -14.89
C ACT F . 12.36 -1.47 0.15
O ACT F . 12.46 -2.68 0.68
OXT ACT F . 11.28 -0.93 0.09
CH3 ACT F . 13.59 -0.78 -0.35
CL CL G . 1.43 -11.14 -10.07
C ACT H . -4.89 3.80 -9.67
O ACT H . -4.39 3.39 -8.47
OXT ACT H . -4.73 3.11 -10.67
CH3 ACT H . -5.61 5.11 -9.80
CL CL I . -7.44 -12.33 -3.55
C ACT J . -7.14 -2.72 9.97
O ACT J . -6.82 -2.42 11.24
OXT ACT J . -6.52 -2.20 9.06
CH3 ACT J . -8.26 -3.68 9.68
#